data_7C2X
#
_entry.id   7C2X
#
_cell.length_a   65.465
_cell.length_b   84.425
_cell.length_c   92.836
_cell.angle_alpha   90.000
_cell.angle_beta   90.000
_cell.angle_gamma   90.000
#
_symmetry.space_group_name_H-M   'P 21 21 21'
#
loop_
_entity.id
_entity.type
_entity.pdbx_description
1 polymer Glycosyltransferase
2 non-polymer "URIDINE-5'-DIPHOSPHATE"
3 non-polymer '(2~{S},3~{S},4~{S},5~{R},6~{R})-6-[[(3~{S},4~{a}~{R},6~{a}~{R},6~{b}~{S},8~{a}~{S},11~{S},12~{a}~{R},14~{a}~{R},14~{b}~{S})-11-carboxy-4,4,6~{a},6~{b},8~{a},11,14~{b}-heptamethyl-14-oxidanylidene-2,3,4~{a},5,6,7,8,9,10,12,12~{a},14~{a}-dodecahydro-1~{H}-picen-3-yl]oxy]-3,4,5-tris(oxidanyl)oxane-2-carboxylic acid'
4 water water
#
_entity_poly.entity_id   1
_entity_poly.type   'polypeptide(L)'
_entity_poly.pdbx_seq_one_letter_code
;MDSFGVEGDHQADTTVLKAVFLPFISKSHLIRVVDKARIFAMHGVDVTIITTPANAAAFQTSIDHDSSRSRSIKTHIVPF
PQVPGLPQGFERLDADTPQHLLPKIYQGLSILQEQFQQLFREMRPDFIVTDMYYPWSVDAAAELGIPRLVCNGGSYFAQS
AVNSIELFSPQAKVDSNTETFLLPGLPHEVEMTRLQLPDWLRGAPNEYTYLMKMIKDSERKSYGSLFNSFYELEGTYEEH
YKKAMGTKSWSVGPVSLWVNQDASDKACRGDVKEGKGDGVVLTWLDSKTEDSVLYVSFGSMNKFPKTQLVEIAHALEDSG
HDFIWVVGKIEEGEGGADFLREFEKKVKEKNRGYLIWGWAPQLLILEHPAVGAVVTHCGWNTVMESVNASLPLATWPLFA
EQFFNEKLVVDVVKIGVPVGVKEWRNWNEFGDEVVKREDIGKAIAFLMGGGDESLEMRKRVKVLSGATKKAIQVDGSSYT
KLKELIEELKSIKLQKVNNKLMEAVALEHHHHHH
;
_entity_poly.pdbx_strand_id   A
#
loop_
_chem_comp.id
_chem_comp.type
_chem_comp.name
_chem_comp.formula
FJL non-polymer '(2~{S},3~{S},4~{S},5~{R},6~{R})-6-[[(3~{S},4~{a}~{R},6~{a}~{R},6~{b}~{S},8~{a}~{S},11~{S},12~{a}~{R},14~{a}~{R},14~{b}~{S})-11-carboxy-4,4,6~{a},6~{b},8~{a},11,14~{b}-heptamethyl-14-oxidanylidene-2,3,4~{a},5,6,7,8,9,10,12,12~{a},14~{a}-dodecahydro-1~{H}-picen-3-yl]oxy]-3,4,5-tris(oxidanyl)oxane-2-carboxylic acid' 'C36 H54 O10'
UDP RNA linking URIDINE-5'-DIPHOSPHATE 'C9 H14 N2 O12 P2'
#
# COMPACT_ATOMS: atom_id res chain seq x y z
N THR A 15 -24.42 14.95 16.00
CA THR A 15 -24.31 15.82 14.82
C THR A 15 -23.21 15.28 13.87
N VAL A 16 -22.13 16.05 13.81
CA VAL A 16 -20.88 15.94 13.06
C VAL A 16 -19.96 14.94 13.75
N LEU A 17 -19.58 13.91 13.02
CA LEU A 17 -18.70 12.87 13.55
C LEU A 17 -17.30 13.43 13.78
N LYS A 18 -16.67 13.04 14.89
CA LYS A 18 -15.28 13.34 15.15
C LYS A 18 -14.46 12.05 15.14
N ALA A 19 -13.33 12.06 14.42
CA ALA A 19 -12.48 10.88 14.31
C ALA A 19 -11.02 11.23 14.56
N VAL A 20 -10.31 10.33 15.21
CA VAL A 20 -8.85 10.41 15.33
C VAL A 20 -8.25 9.27 14.53
N PHE A 21 -7.29 9.60 13.67
CA PHE A 21 -6.58 8.66 12.81
C PHE A 21 -5.15 8.50 13.31
N LEU A 22 -4.69 7.25 13.41
CA LEU A 22 -3.34 6.95 13.89
C LEU A 22 -2.60 6.17 12.82
N PRO A 23 -1.84 6.84 11.96
CA PRO A 23 -1.08 6.11 10.94
C PRO A 23 0.19 5.52 11.52
N PHE A 24 0.74 4.54 10.80
CA PHE A 24 2.03 3.93 11.11
C PHE A 24 3.15 4.82 10.56
N ILE A 25 4.41 4.41 10.77
CA ILE A 25 5.53 5.28 10.46
C ILE A 25 6.43 4.70 9.35
N SER A 26 5.92 3.79 8.55
CA SER A 26 6.55 3.47 7.27
C SER A 26 5.82 4.21 6.16
N LYS A 27 6.59 4.61 5.14
CA LYS A 27 6.12 5.60 4.17
C LYS A 27 4.83 5.16 3.48
N SER A 28 4.82 3.95 2.92
CA SER A 28 3.67 3.47 2.17
C SER A 28 2.41 3.38 3.05
N HIS A 29 2.56 2.86 4.26
CA HIS A 29 1.44 2.79 5.19
C HIS A 29 0.98 4.17 5.61
N LEU A 30 1.94 5.06 5.86
CA LEU A 30 1.62 6.43 6.25
C LEU A 30 0.76 7.11 5.19
N ILE A 31 1.17 7.05 3.93
CA ILE A 31 0.42 7.83 2.95
C ILE A 31 -0.92 7.17 2.62
N ARG A 32 -1.02 5.86 2.78
CA ARG A 32 -2.30 5.20 2.52
C ARG A 32 -3.29 5.60 3.64
N VAL A 33 -2.87 5.56 4.88
CA VAL A 33 -3.82 5.86 5.95
C VAL A 33 -4.11 7.36 6.02
N VAL A 34 -3.12 8.21 5.70
CA VAL A 34 -3.41 9.64 5.60
C VAL A 34 -4.44 9.92 4.51
N ASP A 35 -4.33 9.23 3.37
CA ASP A 35 -5.33 9.46 2.32
C ASP A 35 -6.72 9.02 2.77
N LYS A 36 -6.80 7.91 3.53
CA LYS A 36 -8.07 7.50 4.10
C LYS A 36 -8.61 8.58 5.04
N ALA A 37 -7.73 9.16 5.88
CA ALA A 37 -8.16 10.29 6.70
C ALA A 37 -8.71 11.43 5.85
N ARG A 38 -8.03 11.75 4.75
CA ARG A 38 -8.51 12.84 3.88
C ARG A 38 -9.83 12.50 3.22
N ILE A 39 -10.06 11.22 2.90
CA ILE A 39 -11.35 10.83 2.32
C ILE A 39 -12.49 11.03 3.34
N PHE A 40 -12.27 10.62 4.59
CA PHE A 40 -13.31 10.83 5.60
C PHE A 40 -13.60 12.33 5.79
N ALA A 41 -12.55 13.16 5.76
CA ALA A 41 -12.80 14.59 5.93
C ALA A 41 -13.51 15.19 4.72
N MET A 42 -13.25 14.65 3.52
CA MET A 42 -13.96 15.08 2.32
C MET A 42 -15.45 14.81 2.45
N HIS A 43 -15.85 13.83 3.27
CA HIS A 43 -17.25 13.47 3.42
C HIS A 43 -17.81 13.84 4.80
N GLY A 44 -17.31 14.91 5.40
CA GLY A 44 -17.96 15.57 6.51
C GLY A 44 -17.42 15.27 7.88
N VAL A 45 -16.44 14.37 8.01
CA VAL A 45 -15.92 14.00 9.31
C VAL A 45 -14.85 15.00 9.74
N ASP A 46 -14.89 15.35 11.01
CA ASP A 46 -13.89 16.19 11.66
C ASP A 46 -12.71 15.31 12.07
N VAL A 47 -11.62 15.38 11.31
CA VAL A 47 -10.54 14.41 11.39
C VAL A 47 -9.32 15.05 12.04
N THR A 48 -8.73 14.34 13.01
CA THR A 48 -7.41 14.66 13.55
C THR A 48 -6.46 13.50 13.28
N ILE A 49 -5.29 13.80 12.73
CA ILE A 49 -4.26 12.81 12.44
C ILE A 49 -3.13 12.99 13.45
N ILE A 50 -2.87 11.97 14.27
CA ILE A 50 -1.78 12.05 15.25
C ILE A 50 -0.51 11.47 14.63
N THR A 51 0.59 12.23 14.67
CA THR A 51 1.84 11.75 14.12
C THR A 51 3.00 12.50 14.78
N THR A 52 4.22 12.22 14.30
CA THR A 52 5.44 12.85 14.80
C THR A 52 6.01 13.78 13.74
N PRO A 53 6.93 14.69 14.10
CA PRO A 53 7.33 15.72 13.13
C PRO A 53 7.88 15.18 11.83
N ALA A 54 8.81 14.22 11.88
CA ALA A 54 9.43 13.74 10.65
C ALA A 54 8.42 13.04 9.73
N ASN A 55 7.40 12.41 10.32
CA ASN A 55 6.37 11.79 9.51
C ASN A 55 5.38 12.82 8.96
N ALA A 56 4.98 13.79 9.78
CA ALA A 56 4.16 14.89 9.28
C ALA A 56 4.76 15.59 8.08
N ALA A 57 6.10 15.67 8.03
CA ALA A 57 6.76 16.36 6.92
C ALA A 57 6.39 15.74 5.59
N ALA A 58 6.09 14.44 5.57
CA ALA A 58 5.78 13.75 4.33
C ALA A 58 4.40 14.12 3.77
N PHE A 59 3.49 14.66 4.61
CA PHE A 59 2.11 14.85 4.14
C PHE A 59 1.43 16.14 4.63
N GLN A 60 2.10 16.99 5.40
CA GLN A 60 1.42 18.18 5.92
C GLN A 60 0.93 19.08 4.79
N THR A 61 1.69 19.12 3.68
CA THR A 61 1.28 19.88 2.50
C THR A 61 -0.09 19.43 2.01
N SER A 62 -0.29 18.11 1.88
CA SER A 62 -1.60 17.59 1.47
C SER A 62 -2.69 18.04 2.43
N ILE A 63 -2.40 18.04 3.74
CA ILE A 63 -3.41 18.44 4.72
C ILE A 63 -3.77 19.90 4.53
N ASP A 64 -2.79 20.75 4.21
CA ASP A 64 -3.04 22.17 4.02
C ASP A 64 -3.94 22.42 2.80
N HIS A 65 -3.65 21.77 1.67
CA HIS A 65 -4.53 21.87 0.51
C HIS A 65 -5.97 21.51 0.86
N ASP A 66 -6.15 20.46 1.66
CA ASP A 66 -7.51 19.98 1.99
C ASP A 66 -8.26 20.97 2.87
N SER A 67 -7.60 21.50 3.90
CA SER A 67 -8.28 22.44 4.79
C SER A 67 -8.71 23.70 4.05
N SER A 68 -8.13 23.95 2.87
CA SER A 68 -8.54 25.09 2.06
C SER A 68 -9.82 24.82 1.28
N ARG A 69 -10.11 23.56 0.95
CA ARG A 69 -11.42 23.19 0.43
C ARG A 69 -12.40 23.12 1.59
N SER A 70 -11.98 23.70 2.72
CA SER A 70 -12.75 23.79 3.96
C SER A 70 -13.35 22.45 4.35
N ARG A 71 -12.51 21.43 4.31
CA ARG A 71 -12.69 20.23 5.09
C ARG A 71 -12.15 20.49 6.49
N SER A 72 -12.68 19.77 7.47
CA SER A 72 -12.15 19.89 8.83
C SER A 72 -11.17 18.73 9.03
N ILE A 73 -9.89 18.99 8.79
CA ILE A 73 -8.84 17.99 8.95
C ILE A 73 -7.57 18.69 9.41
N LYS A 74 -6.91 18.13 10.41
CA LYS A 74 -5.69 18.70 10.95
C LYS A 74 -4.78 17.60 11.46
N THR A 75 -3.50 17.93 11.55
CA THR A 75 -2.55 17.06 12.22
C THR A 75 -2.35 17.49 13.67
N HIS A 76 -1.99 16.53 14.51
CA HIS A 76 -1.59 16.79 15.89
C HIS A 76 -0.22 16.15 16.08
N ILE A 77 0.81 17.00 16.22
CA ILE A 77 2.20 16.56 16.21
C ILE A 77 2.63 16.20 17.62
N VAL A 78 3.19 15.01 17.77
CA VAL A 78 3.70 14.50 19.04
C VAL A 78 5.20 14.27 18.87
N PRO A 79 6.05 14.84 19.72
CA PRO A 79 7.50 14.66 19.55
C PRO A 79 7.89 13.19 19.75
N PHE A 80 8.85 12.74 18.94
CA PHE A 80 9.28 11.36 19.00
C PHE A 80 10.16 11.15 20.24
N PRO A 81 9.98 10.04 20.98
CA PRO A 81 10.71 9.87 22.24
C PRO A 81 12.22 9.76 22.05
N GLN A 82 12.93 9.98 23.16
CA GLN A 82 14.37 9.69 23.24
C GLN A 82 14.59 8.19 23.37
N VAL A 83 15.45 7.63 22.53
CA VAL A 83 15.85 6.22 22.65
C VAL A 83 17.37 6.14 22.63
N PRO A 84 17.99 5.43 23.58
CA PRO A 84 19.46 5.37 23.64
C PRO A 84 20.08 4.85 22.34
N GLY A 85 21.01 5.63 21.79
CA GLY A 85 21.65 5.27 20.55
C GLY A 85 20.90 5.63 19.30
N LEU A 86 19.73 6.25 19.44
CA LEU A 86 18.96 6.71 18.30
C LEU A 86 19.19 8.19 18.12
N PRO A 87 19.78 8.63 17.01
CA PRO A 87 19.99 10.06 16.81
C PRO A 87 18.67 10.78 16.56
N GLN A 88 18.65 12.06 16.91
CA GLN A 88 17.47 12.89 16.66
C GLN A 88 17.16 12.92 15.16
N GLY A 89 15.87 13.04 14.85
CA GLY A 89 15.42 13.12 13.47
C GLY A 89 15.12 11.79 12.81
N PHE A 90 15.41 10.67 13.45
CA PHE A 90 15.15 9.35 12.88
C PHE A 90 13.83 8.86 13.45
N GLU A 91 12.74 9.02 12.68
CA GLU A 91 11.41 8.70 13.18
C GLU A 91 10.59 7.86 12.20
N ARG A 92 11.19 7.38 11.11
CA ARG A 92 10.48 6.69 10.05
C ARG A 92 11.12 5.34 9.81
N LEU A 93 10.30 4.38 9.37
CA LEU A 93 10.77 3.04 9.00
C LEU A 93 10.70 2.93 7.48
N ASP A 94 11.77 3.32 6.81
CA ASP A 94 11.82 3.25 5.36
C ASP A 94 13.18 2.70 4.95
N ALA A 95 13.42 2.66 3.64
CA ALA A 95 14.64 2.04 3.14
C ALA A 95 15.88 2.89 3.42
N ASP A 96 15.73 4.22 3.44
CA ASP A 96 16.87 5.08 3.73
C ASP A 96 17.31 4.99 5.18
N THR A 97 16.52 4.36 6.05
CA THR A 97 16.86 4.26 7.46
C THR A 97 17.97 3.23 7.67
N PRO A 98 19.08 3.60 8.30
CA PRO A 98 20.11 2.60 8.64
C PRO A 98 19.51 1.46 9.46
N GLN A 99 19.87 0.23 9.09
CA GLN A 99 19.20 -0.97 9.57
C GLN A 99 19.31 -1.14 11.07
N HIS A 100 20.42 -0.74 11.68
CA HIS A 100 20.58 -0.93 13.11
C HIS A 100 19.70 0.01 13.93
N LEU A 101 19.15 1.06 13.31
CA LEU A 101 18.26 1.99 14.00
C LEU A 101 16.80 1.53 13.97
N LEU A 102 16.45 0.58 13.11
CA LEU A 102 15.05 0.18 12.98
C LEU A 102 14.43 -0.28 14.28
N PRO A 103 15.00 -1.25 15.02
CA PRO A 103 14.35 -1.64 16.29
C PRO A 103 14.31 -0.52 17.30
N LYS A 104 15.24 0.42 17.27
CA LYS A 104 15.16 1.56 18.16
C LYS A 104 14.00 2.47 17.76
N ILE A 105 13.81 2.70 16.46
CA ILE A 105 12.69 3.53 16.01
C ILE A 105 11.38 2.87 16.39
N TYR A 106 11.28 1.55 16.18
CA TYR A 106 10.07 0.83 16.57
C TYR A 106 9.88 0.88 18.09
N GLN A 107 10.97 0.86 18.84
CA GLN A 107 10.88 0.97 20.29
C GLN A 107 10.33 2.33 20.71
N GLY A 108 10.80 3.41 20.04
CA GLY A 108 10.27 4.72 20.35
C GLY A 108 8.79 4.85 20.03
N LEU A 109 8.37 4.28 18.89
CA LEU A 109 6.94 4.26 18.59
C LEU A 109 6.15 3.57 19.70
N SER A 110 6.68 2.45 20.20
CA SER A 110 5.99 1.72 21.26
C SER A 110 5.86 2.56 22.53
N ILE A 111 6.88 3.36 22.83
CA ILE A 111 6.81 4.22 24.01
C ILE A 111 5.66 5.22 23.89
N LEU A 112 5.32 5.61 22.66
CA LEU A 112 4.29 6.64 22.45
C LEU A 112 2.88 6.13 22.74
N GLN A 113 2.67 4.83 22.91
CA GLN A 113 1.32 4.30 23.06
C GLN A 113 0.56 5.02 24.16
N GLU A 114 1.18 5.25 25.32
CA GLU A 114 0.45 5.88 26.42
C GLU A 114 0.14 7.34 26.10
N GLN A 115 1.02 8.03 25.37
CA GLN A 115 0.71 9.39 24.95
C GLN A 115 -0.44 9.38 23.95
N PHE A 116 -0.43 8.43 23.02
CA PHE A 116 -1.56 8.28 22.08
C PHE A 116 -2.87 8.08 22.83
N GLN A 117 -2.87 7.21 23.84
CA GLN A 117 -4.10 6.91 24.57
C GLN A 117 -4.57 8.13 25.36
N GLN A 118 -3.64 8.85 26.01
CA GLN A 118 -4.04 10.09 26.67
C GLN A 118 -4.69 11.04 25.68
N LEU A 119 -4.15 11.10 24.45
CA LEU A 119 -4.70 12.00 23.46
C LEU A 119 -6.10 11.57 23.04
N PHE A 120 -6.34 10.25 22.97
CA PHE A 120 -7.69 9.75 22.72
C PHE A 120 -8.65 10.22 23.82
N ARG A 121 -8.24 10.06 25.08
CA ARG A 121 -9.12 10.44 26.19
C ARG A 121 -9.35 11.94 26.23
N GLU A 122 -8.37 12.71 25.75
CA GLU A 122 -8.47 14.16 25.71
C GLU A 122 -9.35 14.64 24.57
N MET A 123 -9.22 14.02 23.39
CA MET A 123 -9.95 14.47 22.22
C MET A 123 -11.39 13.94 22.17
N ARG A 124 -11.66 12.83 22.87
CA ARG A 124 -12.99 12.21 22.91
C ARG A 124 -13.65 12.09 21.53
N PRO A 125 -13.03 11.38 20.58
CA PRO A 125 -13.66 11.20 19.27
C PRO A 125 -14.84 10.23 19.36
N ASP A 126 -15.67 10.25 18.31
CA ASP A 126 -16.74 9.27 18.15
C ASP A 126 -16.23 7.92 17.69
N PHE A 127 -15.07 7.89 17.02
CA PHE A 127 -14.46 6.62 16.65
C PHE A 127 -12.98 6.86 16.32
N ILE A 128 -12.22 5.78 16.27
CA ILE A 128 -10.81 5.91 15.90
C ILE A 128 -10.53 5.00 14.73
N VAL A 129 -9.56 5.41 13.91
CA VAL A 129 -9.13 4.64 12.76
C VAL A 129 -7.62 4.51 12.86
N THR A 130 -7.13 3.29 13.01
CA THR A 130 -5.73 3.08 13.31
C THR A 130 -5.12 2.02 12.41
N ASP A 131 -3.83 2.16 12.16
CA ASP A 131 -3.12 1.19 11.34
C ASP A 131 -3.12 -0.18 12.01
N MET A 132 -3.05 -1.22 11.17
CA MET A 132 -2.98 -2.59 11.68
C MET A 132 -1.83 -2.82 12.64
N TYR A 133 -0.74 -2.05 12.53
CA TYR A 133 0.38 -2.30 13.43
C TYR A 133 0.19 -1.70 14.82
N TYR A 134 -1.03 -1.31 15.19
CA TYR A 134 -1.34 -0.89 16.56
C TYR A 134 -2.43 -1.78 17.14
N PRO A 135 -2.16 -3.07 17.36
CA PRO A 135 -3.26 -3.96 17.80
C PRO A 135 -3.88 -3.57 19.15
N TRP A 136 -3.10 -2.93 20.03
CA TRP A 136 -3.63 -2.47 21.32
C TRP A 136 -4.74 -1.43 21.15
N SER A 137 -4.83 -0.77 19.99
CA SER A 137 -5.80 0.31 19.85
C SER A 137 -7.24 -0.19 19.95
N VAL A 138 -7.48 -1.48 19.74
CA VAL A 138 -8.85 -1.98 19.91
C VAL A 138 -9.23 -1.94 21.40
N ASP A 139 -8.27 -2.20 22.28
CA ASP A 139 -8.53 -2.11 23.71
C ASP A 139 -8.70 -0.66 24.16
N ALA A 140 -7.88 0.25 23.62
CA ALA A 140 -8.06 1.67 23.91
C ALA A 140 -9.48 2.11 23.56
N ALA A 141 -9.96 1.70 22.38
CA ALA A 141 -11.31 2.08 21.96
C ALA A 141 -12.37 1.49 22.87
N ALA A 142 -12.18 0.25 23.33
CA ALA A 142 -13.14 -0.36 24.24
C ALA A 142 -13.20 0.39 25.57
N GLU A 143 -12.04 0.84 26.08
CA GLU A 143 -12.02 1.64 27.30
C GLU A 143 -12.80 2.94 27.11
N LEU A 144 -12.67 3.58 25.95
CA LEU A 144 -13.40 4.81 25.66
C LEU A 144 -14.85 4.54 25.26
N GLY A 145 -15.21 3.29 25.01
CA GLY A 145 -16.55 2.95 24.54
C GLY A 145 -16.89 3.44 23.15
N ILE A 146 -15.94 3.35 22.21
CA ILE A 146 -16.16 3.83 20.85
C ILE A 146 -15.66 2.78 19.87
N PRO A 147 -16.12 2.82 18.61
CA PRO A 147 -15.62 1.88 17.61
C PRO A 147 -14.18 2.19 17.20
N ARG A 148 -13.44 1.12 16.89
CA ARG A 148 -12.13 1.22 16.26
C ARG A 148 -12.22 0.55 14.89
N LEU A 149 -11.86 1.28 13.83
CA LEU A 149 -11.63 0.70 12.52
C LEU A 149 -10.13 0.43 12.37
N VAL A 150 -9.77 -0.66 11.69
CA VAL A 150 -8.37 -0.95 11.41
C VAL A 150 -8.12 -0.80 9.91
N CYS A 151 -7.04 -0.15 9.55
CA CYS A 151 -6.64 -0.02 8.15
C CYS A 151 -5.67 -1.14 7.81
N ASN A 152 -6.03 -1.96 6.84
CA ASN A 152 -5.18 -3.04 6.38
C ASN A 152 -4.51 -2.67 5.06
N GLY A 153 -3.27 -3.08 4.92
CA GLY A 153 -2.58 -2.87 3.66
C GLY A 153 -2.89 -3.99 2.68
N GLY A 154 -2.75 -3.69 1.40
CA GLY A 154 -2.78 -4.75 0.43
C GLY A 154 -4.19 -5.11 0.00
N SER A 155 -4.28 -6.22 -0.72
CA SER A 155 -5.51 -6.63 -1.36
C SER A 155 -6.28 -7.59 -0.46
N TYR A 156 -7.61 -7.63 -0.65
CA TYR A 156 -8.42 -8.71 -0.10
C TYR A 156 -7.95 -10.07 -0.59
N PHE A 157 -7.48 -10.13 -1.84
CA PHE A 157 -7.00 -11.40 -2.37
C PHE A 157 -5.87 -11.95 -1.51
N ALA A 158 -4.86 -11.11 -1.22
CA ALA A 158 -3.71 -11.56 -0.46
C ALA A 158 -4.10 -12.05 0.92
N GLN A 159 -5.03 -11.35 1.59
CA GLN A 159 -5.48 -11.79 2.91
C GLN A 159 -6.31 -13.07 2.81
N SER A 160 -7.07 -13.23 1.73
CA SER A 160 -7.77 -14.50 1.51
C SER A 160 -6.79 -15.64 1.29
N ALA A 161 -5.71 -15.36 0.55
CA ALA A 161 -4.68 -16.38 0.32
C ALA A 161 -4.00 -16.76 1.63
N VAL A 162 -3.68 -15.77 2.47
CA VAL A 162 -3.06 -16.08 3.76
C VAL A 162 -3.97 -16.96 4.59
N ASN A 163 -5.27 -16.62 4.63
CA ASN A 163 -6.20 -17.43 5.40
C ASN A 163 -6.31 -18.85 4.84
N SER A 164 -6.25 -19.00 3.50
CA SER A 164 -6.27 -20.34 2.93
C SER A 164 -5.03 -21.13 3.36
N ILE A 165 -3.86 -20.50 3.36
CA ILE A 165 -2.64 -21.19 3.79
C ILE A 165 -2.78 -21.61 5.25
N GLU A 166 -3.25 -20.70 6.11
CA GLU A 166 -3.36 -20.98 7.54
C GLU A 166 -4.40 -22.07 7.82
N LEU A 167 -5.50 -22.08 7.07
CA LEU A 167 -6.55 -23.06 7.32
C LEU A 167 -6.21 -24.44 6.79
N PHE A 168 -5.69 -24.52 5.57
CA PHE A 168 -5.59 -25.80 4.88
C PHE A 168 -4.17 -26.33 4.78
N SER A 169 -3.16 -25.54 5.11
CA SER A 169 -1.76 -25.96 5.09
C SER A 169 -1.42 -26.75 3.83
N PRO A 170 -1.74 -26.24 2.62
CA PRO A 170 -1.43 -27.02 1.42
C PRO A 170 0.06 -27.23 1.22
N GLN A 171 0.89 -26.33 1.77
CA GLN A 171 2.33 -26.45 1.65
C GLN A 171 2.89 -27.59 2.49
N ALA A 172 2.15 -28.05 3.50
CA ALA A 172 2.64 -29.14 4.34
C ALA A 172 2.54 -30.49 3.65
N LYS A 173 1.74 -30.58 2.61
CA LYS A 173 1.49 -31.90 1.97
C LYS A 173 2.42 -32.11 0.79
N VAL A 174 3.37 -31.23 0.60
CA VAL A 174 4.27 -31.41 -0.54
C VAL A 174 5.68 -31.55 0.00
N ASP A 175 6.51 -32.32 -0.67
CA ASP A 175 7.94 -32.05 -0.38
C ASP A 175 8.49 -31.28 -1.58
N SER A 176 9.75 -30.89 -1.54
CA SER A 176 10.41 -30.08 -2.60
C SER A 176 9.98 -28.61 -2.60
N ASN A 177 10.62 -27.88 -3.48
CA ASN A 177 10.36 -26.46 -3.50
C ASN A 177 9.79 -26.04 -4.85
N THR A 178 9.79 -26.95 -5.81
CA THR A 178 9.27 -26.69 -7.13
C THR A 178 7.86 -27.23 -7.31
N GLU A 179 7.41 -28.13 -6.42
CA GLU A 179 6.06 -28.67 -6.51
C GLU A 179 5.06 -27.59 -6.13
N THR A 180 4.15 -27.30 -7.07
CA THR A 180 3.09 -26.35 -6.85
C THR A 180 1.93 -27.00 -6.11
N PHE A 181 1.18 -26.18 -5.40
CA PHE A 181 -0.04 -26.60 -4.73
C PHE A 181 -1.09 -25.52 -4.94
N LEU A 182 -2.34 -25.94 -4.95
CA LEU A 182 -3.47 -25.02 -4.99
C LEU A 182 -3.72 -24.41 -3.62
N LEU A 183 -4.23 -23.18 -3.63
CA LEU A 183 -4.70 -22.57 -2.39
C LEU A 183 -6.18 -22.91 -2.23
N PRO A 184 -6.53 -23.83 -1.33
CA PRO A 184 -7.90 -24.35 -1.32
C PRO A 184 -8.92 -23.31 -0.90
N GLY A 185 -10.12 -23.45 -1.47
CA GLY A 185 -11.24 -22.64 -1.06
C GLY A 185 -11.34 -21.30 -1.72
N LEU A 186 -10.31 -20.87 -2.47
CA LEU A 186 -10.42 -19.60 -3.16
C LEU A 186 -11.32 -19.71 -4.39
N PRO A 187 -12.05 -18.64 -4.72
CA PRO A 187 -12.91 -18.67 -5.92
C PRO A 187 -12.18 -18.94 -7.21
N HIS A 188 -10.85 -18.82 -7.25
CA HIS A 188 -10.08 -19.07 -8.47
C HIS A 188 -9.00 -20.10 -8.15
N GLU A 189 -8.61 -20.87 -9.16
CA GLU A 189 -7.51 -21.82 -9.00
C GLU A 189 -6.19 -21.06 -9.04
N VAL A 190 -5.43 -21.16 -7.96
CA VAL A 190 -4.21 -20.38 -7.76
C VAL A 190 -3.15 -21.34 -7.25
N GLU A 191 -2.03 -21.44 -7.96
CA GLU A 191 -0.96 -22.39 -7.67
C GLU A 191 0.32 -21.63 -7.27
N MET A 192 0.95 -22.08 -6.18
CA MET A 192 2.16 -21.48 -5.65
C MET A 192 3.11 -22.59 -5.18
N THR A 193 4.36 -22.22 -4.96
CA THR A 193 5.34 -23.10 -4.36
C THR A 193 5.64 -22.64 -2.94
N ARG A 194 6.24 -23.53 -2.15
CA ARG A 194 6.62 -23.19 -0.79
C ARG A 194 7.59 -22.02 -0.75
N LEU A 195 8.45 -21.89 -1.77
CA LEU A 195 9.42 -20.81 -1.81
C LEU A 195 8.78 -19.46 -2.05
N GLN A 196 7.55 -19.43 -2.56
CA GLN A 196 6.83 -18.19 -2.83
C GLN A 196 5.99 -17.73 -1.65
N LEU A 197 6.04 -18.47 -0.49
CA LEU A 197 5.34 -18.08 0.71
C LEU A 197 6.25 -17.30 1.65
N PRO A 198 5.68 -16.41 2.45
CA PRO A 198 6.47 -15.69 3.46
C PRO A 198 7.05 -16.64 4.48
N ASP A 199 8.24 -16.29 4.98
CA ASP A 199 8.92 -17.10 5.99
C ASP A 199 8.01 -17.39 7.19
N TRP A 200 7.26 -16.37 7.63
CA TRP A 200 6.43 -16.48 8.83
C TRP A 200 5.21 -17.37 8.64
N LEU A 201 4.88 -17.75 7.41
CA LEU A 201 3.74 -18.62 7.13
C LEU A 201 4.13 -20.06 6.86
N ARG A 202 5.39 -20.29 6.50
CA ARG A 202 5.78 -21.53 5.86
C ARG A 202 5.82 -22.70 6.84
N GLY A 203 6.60 -22.57 7.91
CA GLY A 203 6.86 -23.68 8.80
C GLY A 203 6.55 -23.37 10.25
N ALA A 204 7.55 -23.49 11.12
CA ALA A 204 7.36 -23.14 12.51
C ALA A 204 7.21 -21.62 12.67
N PRO A 205 6.40 -21.17 13.63
CA PRO A 205 6.23 -19.73 13.85
C PRO A 205 7.56 -19.02 14.10
N ASN A 206 7.67 -17.79 13.62
CA ASN A 206 8.74 -16.89 14.01
C ASN A 206 8.13 -15.67 14.71
N GLU A 207 8.97 -14.68 15.01
CA GLU A 207 8.47 -13.55 15.80
C GLU A 207 7.39 -12.78 15.03
N TYR A 208 7.51 -12.71 13.70
CA TYR A 208 6.49 -12.04 12.91
C TYR A 208 5.20 -12.84 12.85
N THR A 209 5.28 -14.18 12.89
CA THR A 209 4.07 -14.99 12.96
C THR A 209 3.23 -14.60 14.18
N TYR A 210 3.90 -14.37 15.32
CA TYR A 210 3.19 -14.01 16.55
C TYR A 210 2.62 -12.61 16.48
N LEU A 211 3.35 -11.66 15.88
CA LEU A 211 2.81 -10.32 15.67
C LEU A 211 1.55 -10.38 14.81
N MET A 212 1.59 -11.16 13.72
CA MET A 212 0.42 -11.25 12.85
C MET A 212 -0.75 -11.88 13.57
N LYS A 213 -0.48 -12.84 14.46
CA LYS A 213 -1.53 -13.43 15.26
C LYS A 213 -2.19 -12.38 16.16
N MET A 214 -1.37 -11.56 16.82
CA MET A 214 -1.93 -10.50 17.67
C MET A 214 -2.74 -9.50 16.83
N ILE A 215 -2.27 -9.20 15.63
CA ILE A 215 -2.97 -8.25 14.77
C ILE A 215 -4.31 -8.80 14.32
N LYS A 216 -4.34 -10.08 13.91
CA LYS A 216 -5.61 -10.66 13.47
C LYS A 216 -6.59 -10.81 14.63
N ASP A 217 -6.11 -11.11 15.83
CA ASP A 217 -6.99 -11.16 16.99
C ASP A 217 -7.59 -9.79 17.26
N SER A 218 -6.76 -8.74 17.19
CA SER A 218 -7.27 -7.38 17.36
C SER A 218 -8.33 -7.05 16.31
N GLU A 219 -8.08 -7.44 15.05
CA GLU A 219 -9.04 -7.17 13.99
C GLU A 219 -10.39 -7.80 14.27
N ARG A 220 -10.38 -9.05 14.75
CA ARG A 220 -11.63 -9.76 15.03
C ARG A 220 -12.43 -9.09 16.13
N LYS A 221 -11.77 -8.36 17.04
CA LYS A 221 -12.45 -7.61 18.08
C LYS A 221 -12.81 -6.19 17.65
N SER A 222 -12.37 -5.75 16.48
CA SER A 222 -12.57 -4.39 16.06
C SER A 222 -13.95 -4.21 15.42
N TYR A 223 -14.35 -2.96 15.24
CA TYR A 223 -15.61 -2.70 14.56
C TYR A 223 -15.58 -3.20 13.11
N GLY A 224 -14.50 -2.93 12.39
CA GLY A 224 -14.42 -3.34 11.00
C GLY A 224 -13.06 -2.95 10.44
N SER A 225 -12.80 -3.39 9.22
CA SER A 225 -11.54 -3.06 8.57
C SER A 225 -11.79 -2.23 7.31
N LEU A 226 -10.80 -1.42 6.96
CA LEU A 226 -10.80 -0.61 5.75
C LEU A 226 -9.68 -1.10 4.85
N PHE A 227 -9.99 -1.35 3.57
CA PHE A 227 -9.01 -1.73 2.58
C PHE A 227 -8.97 -0.72 1.44
N ASN A 228 -7.78 -0.52 0.88
CA ASN A 228 -7.63 0.27 -0.34
C ASN A 228 -7.83 -0.65 -1.53
N SER A 229 -9.10 -0.85 -1.88
CA SER A 229 -9.49 -1.82 -2.90
C SER A 229 -10.74 -1.27 -3.57
N PHE A 230 -11.15 -1.90 -4.68
CA PHE A 230 -12.44 -1.53 -5.25
C PHE A 230 -13.11 -2.75 -5.84
N TYR A 231 -14.44 -2.75 -5.77
CA TYR A 231 -15.22 -3.97 -5.92
C TYR A 231 -15.08 -4.56 -7.32
N GLU A 232 -15.01 -3.71 -8.36
CA GLU A 232 -14.88 -4.25 -9.71
C GLU A 232 -13.57 -5.00 -9.89
N LEU A 233 -12.53 -4.61 -9.14
CA LEU A 233 -11.26 -5.30 -9.23
C LEU A 233 -11.29 -6.65 -8.51
N GLU A 234 -11.74 -6.67 -7.24
CA GLU A 234 -11.63 -7.93 -6.49
C GLU A 234 -12.79 -8.09 -5.50
N GLY A 235 -13.99 -7.67 -5.90
CA GLY A 235 -15.15 -7.75 -5.00
C GLY A 235 -15.47 -9.15 -4.52
N THR A 236 -15.22 -10.16 -5.35
CA THR A 236 -15.40 -11.53 -4.89
C THR A 236 -14.53 -11.82 -3.65
N TYR A 237 -13.33 -11.24 -3.60
CA TYR A 237 -12.45 -11.48 -2.46
C TYR A 237 -12.82 -10.64 -1.25
N GLU A 238 -13.42 -9.48 -1.47
CA GLU A 238 -13.96 -8.72 -0.35
C GLU A 238 -15.02 -9.53 0.40
N GLU A 239 -15.96 -10.14 -0.33
CA GLU A 239 -16.96 -10.97 0.32
C GLU A 239 -16.34 -12.21 0.93
N HIS A 240 -15.43 -12.86 0.20
CA HIS A 240 -14.73 -14.02 0.73
C HIS A 240 -14.03 -13.70 2.05
N TYR A 241 -13.34 -12.55 2.09
CA TYR A 241 -12.58 -12.15 3.26
C TYR A 241 -13.48 -11.94 4.47
N LYS A 242 -14.62 -11.27 4.28
CA LYS A 242 -15.53 -11.03 5.41
C LYS A 242 -16.01 -12.35 6.01
N LYS A 243 -16.27 -13.35 5.18
CA LYS A 243 -16.65 -14.66 5.71
C LYS A 243 -15.46 -15.41 6.32
N ALA A 244 -14.26 -15.22 5.76
CA ALA A 244 -13.09 -15.87 6.37
C ALA A 244 -12.77 -15.30 7.74
N MET A 245 -12.99 -14.02 7.96
CA MET A 245 -12.72 -13.39 9.25
C MET A 245 -13.94 -13.31 10.16
N GLY A 246 -15.15 -13.44 9.62
CA GLY A 246 -16.35 -13.18 10.39
C GLY A 246 -16.49 -11.73 10.81
N THR A 247 -16.12 -10.79 9.94
CA THR A 247 -16.04 -9.38 10.31
C THR A 247 -16.72 -8.51 9.28
N LYS A 248 -16.83 -7.22 9.62
CA LYS A 248 -17.23 -6.19 8.67
C LYS A 248 -15.99 -5.59 8.02
N SER A 249 -16.13 -5.21 6.75
CA SER A 249 -15.02 -4.63 6.01
C SER A 249 -15.58 -3.77 4.89
N TRP A 250 -14.83 -2.74 4.49
CA TRP A 250 -15.27 -1.83 3.43
C TRP A 250 -14.11 -1.51 2.50
N SER A 251 -14.35 -1.60 1.19
CA SER A 251 -13.39 -1.15 0.19
C SER A 251 -13.61 0.34 -0.03
N VAL A 252 -12.57 1.14 0.19
CA VAL A 252 -12.71 2.60 0.04
C VAL A 252 -11.68 3.16 -0.93
N GLY A 253 -11.24 2.35 -1.88
CA GLY A 253 -10.22 2.79 -2.80
C GLY A 253 -10.76 2.99 -4.21
N PRO A 254 -9.88 3.44 -5.11
CA PRO A 254 -8.46 3.72 -4.89
C PRO A 254 -8.22 5.02 -4.12
N VAL A 255 -7.55 4.92 -2.97
CA VAL A 255 -7.47 6.11 -2.11
C VAL A 255 -6.59 7.18 -2.76
N SER A 256 -5.60 6.77 -3.55
CA SER A 256 -4.73 7.74 -4.21
C SER A 256 -5.49 8.59 -5.20
N LEU A 257 -6.40 7.99 -5.96
CA LEU A 257 -7.20 8.76 -6.91
C LEU A 257 -8.19 9.65 -6.18
N TRP A 258 -8.81 9.14 -5.12
CA TRP A 258 -9.94 9.82 -4.51
C TRP A 258 -9.57 11.22 -4.05
N VAL A 259 -8.42 11.38 -3.39
CA VAL A 259 -8.11 12.66 -2.78
C VAL A 259 -6.96 13.37 -3.49
N ASN A 260 -6.48 12.84 -4.62
CA ASN A 260 -5.36 13.43 -5.35
C ASN A 260 -5.70 13.59 -6.82
N GLN A 261 -6.88 14.15 -7.10
CA GLN A 261 -7.26 14.39 -8.49
C GLN A 261 -6.60 15.64 -9.08
N ASP A 262 -6.15 16.56 -8.23
CA ASP A 262 -5.47 17.78 -8.65
C ASP A 262 -3.99 17.51 -8.93
N ALA A 263 -3.42 18.26 -9.90
CA ALA A 263 -2.02 18.07 -10.23
C ALA A 263 -1.11 18.44 -9.06
N SER A 264 -1.47 19.49 -8.32
CA SER A 264 -0.65 19.91 -7.18
C SER A 264 -0.61 18.82 -6.11
N ASP A 265 -1.73 18.14 -5.90
CA ASP A 265 -1.75 17.04 -4.94
C ASP A 265 -0.92 15.86 -5.43
N LYS A 266 -1.06 15.48 -6.72
CA LYS A 266 -0.23 14.41 -7.27
C LYS A 266 1.26 14.72 -7.13
N ALA A 267 1.62 16.00 -7.29
CA ALA A 267 3.04 16.36 -7.29
C ALA A 267 3.65 16.26 -5.90
N CYS A 268 2.86 16.53 -4.84
CA CYS A 268 3.40 16.63 -3.49
C CYS A 268 3.20 15.35 -2.67
N ARG A 269 2.51 14.34 -3.19
CA ARG A 269 2.16 13.18 -2.39
C ARG A 269 3.39 12.49 -1.83
N GLY A 270 3.45 12.37 -0.51
CA GLY A 270 4.54 11.71 0.19
C GLY A 270 5.91 12.33 0.03
N ASP A 271 5.98 13.55 -0.47
CA ASP A 271 7.26 14.18 -0.77
C ASP A 271 7.81 14.91 0.44
N VAL A 272 9.12 14.77 0.66
CA VAL A 272 9.84 15.34 1.80
C VAL A 272 9.29 14.75 3.10
N GLY A 279 9.89 18.41 -12.19
CA GLY A 279 9.39 18.91 -13.47
C GLY A 279 10.25 18.51 -14.65
N VAL A 280 11.50 18.13 -14.39
CA VAL A 280 12.41 17.78 -15.47
C VAL A 280 11.98 16.46 -16.11
N VAL A 281 11.46 15.52 -15.31
CA VAL A 281 11.00 14.26 -15.88
C VAL A 281 9.75 14.48 -16.72
N LEU A 282 8.91 15.46 -16.35
CA LEU A 282 7.68 15.73 -17.09
C LEU A 282 7.98 16.35 -18.45
N THR A 283 8.98 17.23 -18.51
CA THR A 283 9.41 17.78 -19.80
C THR A 283 9.96 16.68 -20.69
N TRP A 284 10.76 15.76 -20.12
CA TRP A 284 11.27 14.64 -20.88
C TRP A 284 10.14 13.76 -21.41
N LEU A 285 9.15 13.47 -20.56
CA LEU A 285 7.99 12.70 -21.00
C LEU A 285 7.23 13.41 -22.12
N ASP A 286 7.03 14.72 -21.99
CA ASP A 286 6.33 15.51 -23.01
C ASP A 286 6.89 15.33 -24.41
N SER A 287 8.17 14.94 -24.51
CA SER A 287 8.85 14.79 -25.79
C SER A 287 8.62 13.45 -26.47
N LYS A 288 7.98 12.49 -25.79
CA LYS A 288 7.83 11.13 -26.28
C LYS A 288 6.43 10.90 -26.83
N THR A 289 6.30 9.89 -27.68
CA THR A 289 4.98 9.56 -28.21
C THR A 289 4.21 8.72 -27.21
N GLU A 290 2.90 8.61 -27.44
CA GLU A 290 2.01 8.04 -26.44
C GLU A 290 2.33 6.56 -26.22
N ASP A 291 2.24 6.14 -24.96
CA ASP A 291 2.38 4.73 -24.58
C ASP A 291 3.74 4.16 -24.94
N SER A 292 4.76 5.00 -25.02
CA SER A 292 6.05 4.55 -25.50
C SER A 292 7.07 4.34 -24.37
N VAL A 293 6.74 4.67 -23.12
CA VAL A 293 7.72 4.72 -22.04
C VAL A 293 7.37 3.70 -20.97
N LEU A 294 8.35 2.89 -20.58
CA LEU A 294 8.22 1.92 -19.50
C LEU A 294 8.61 2.57 -18.18
N TYR A 295 7.72 2.52 -17.18
CA TYR A 295 8.02 3.02 -15.84
C TYR A 295 8.42 1.86 -14.95
N VAL A 296 9.56 1.97 -14.28
CA VAL A 296 10.13 0.88 -13.47
C VAL A 296 10.32 1.37 -12.04
N SER A 297 9.59 0.75 -11.09
CA SER A 297 9.73 1.14 -9.69
C SER A 297 9.42 -0.06 -8.81
N PHE A 298 10.18 -0.20 -7.73
CA PHE A 298 10.02 -1.31 -6.78
C PHE A 298 9.54 -0.83 -5.40
N GLY A 299 8.81 0.28 -5.35
CA GLY A 299 8.16 0.70 -4.13
C GLY A 299 9.05 1.54 -3.24
N SER A 300 8.58 1.72 -2.00
CA SER A 300 9.22 2.61 -1.04
C SER A 300 10.25 1.92 -0.14
N MET A 301 10.32 0.59 -0.14
CA MET A 301 11.13 -0.15 0.84
C MET A 301 12.26 -0.97 0.24
N ASN A 302 12.27 -1.21 -1.06
CA ASN A 302 13.18 -2.19 -1.62
C ASN A 302 14.59 -1.63 -1.75
N LYS A 303 15.58 -2.52 -1.59
CA LYS A 303 16.97 -2.20 -1.90
C LYS A 303 17.55 -3.39 -2.65
N PHE A 304 17.93 -3.18 -3.90
CA PHE A 304 18.52 -4.21 -4.74
C PHE A 304 20.05 -4.20 -4.61
N PRO A 305 20.68 -5.38 -4.67
CA PRO A 305 22.14 -5.44 -4.75
C PRO A 305 22.60 -5.13 -6.17
N LYS A 306 23.89 -4.75 -6.29
CA LYS A 306 24.44 -4.34 -7.58
C LYS A 306 24.20 -5.38 -8.67
N THR A 307 24.42 -6.66 -8.37
CA THR A 307 24.29 -7.69 -9.40
C THR A 307 22.87 -7.72 -9.97
N GLN A 308 21.86 -7.44 -9.14
CA GLN A 308 20.50 -7.37 -9.66
C GLN A 308 20.33 -6.11 -10.51
N LEU A 309 20.89 -4.99 -10.06
CA LEU A 309 20.76 -3.74 -10.82
C LEU A 309 21.39 -3.88 -12.19
N VAL A 310 22.49 -4.61 -12.28
CA VAL A 310 23.15 -4.86 -13.56
C VAL A 310 22.22 -5.56 -14.53
N GLU A 311 21.49 -6.57 -14.06
CA GLU A 311 20.60 -7.31 -14.94
C GLU A 311 19.46 -6.43 -15.42
N ILE A 312 18.93 -5.58 -14.55
CA ILE A 312 17.86 -4.66 -14.93
C ILE A 312 18.37 -3.65 -15.96
N ALA A 313 19.53 -3.05 -15.69
CA ALA A 313 20.11 -2.09 -16.61
C ALA A 313 20.28 -2.70 -18.01
N HIS A 314 20.83 -3.91 -18.08
CA HIS A 314 21.04 -4.51 -19.40
C HIS A 314 19.72 -4.84 -20.07
N ALA A 315 18.76 -5.36 -19.31
CA ALA A 315 17.45 -5.64 -19.88
C ALA A 315 16.80 -4.38 -20.42
N LEU A 316 16.88 -3.28 -19.67
CA LEU A 316 16.25 -2.04 -20.12
C LEU A 316 16.95 -1.49 -21.36
N GLU A 317 18.28 -1.45 -21.34
CA GLU A 317 19.01 -0.97 -22.50
C GLU A 317 18.78 -1.84 -23.73
N ASP A 318 18.78 -3.17 -23.55
CA ASP A 318 18.66 -4.07 -24.69
C ASP A 318 17.25 -4.14 -25.26
N SER A 319 16.24 -3.70 -24.50
CA SER A 319 14.86 -3.74 -24.96
C SER A 319 14.62 -2.83 -26.14
N GLY A 320 15.42 -1.77 -26.29
CA GLY A 320 15.20 -0.75 -27.29
C GLY A 320 14.17 0.28 -26.92
N HIS A 321 13.47 0.13 -25.80
CA HIS A 321 12.36 1.01 -25.47
C HIS A 321 12.78 2.13 -24.55
N ASP A 322 12.01 3.21 -24.56
CA ASP A 322 12.21 4.29 -23.62
C ASP A 322 11.75 3.86 -22.23
N PHE A 323 12.40 4.40 -21.20
CA PHE A 323 12.06 4.00 -19.84
C PHE A 323 12.41 5.08 -18.82
N ILE A 324 11.63 5.11 -17.73
CA ILE A 324 11.96 5.80 -16.49
C ILE A 324 12.22 4.74 -15.43
N TRP A 325 13.40 4.77 -14.80
CA TRP A 325 13.75 3.80 -13.78
C TRP A 325 13.93 4.52 -12.45
N VAL A 326 13.03 4.24 -11.51
CA VAL A 326 13.16 4.76 -10.15
C VAL A 326 14.07 3.79 -9.41
N VAL A 327 15.33 4.18 -9.19
CA VAL A 327 16.30 3.18 -8.80
C VAL A 327 16.12 2.75 -7.34
N GLY A 328 15.45 3.55 -6.51
CA GLY A 328 15.26 3.14 -5.13
C GLY A 328 16.55 3.27 -4.33
N LYS A 329 16.62 2.51 -3.23
CA LYS A 329 17.76 2.55 -2.31
C LYS A 329 18.94 1.79 -2.89
N ILE A 330 20.09 2.48 -2.98
CA ILE A 330 21.29 1.98 -3.65
C ILE A 330 22.44 2.00 -2.64
N GLU A 331 23.20 0.92 -2.58
CA GLU A 331 24.44 0.90 -1.81
C GLU A 331 25.50 1.79 -2.49
N GLU A 332 26.24 2.55 -1.68
CA GLU A 332 27.16 3.51 -2.26
C GLU A 332 28.40 2.82 -2.85
N GLY A 333 29.07 3.52 -3.75
CA GLY A 333 30.36 3.04 -4.25
C GLY A 333 30.19 1.86 -5.16
N GLU A 334 31.01 0.83 -4.93
CA GLU A 334 30.95 -0.41 -5.70
C GLU A 334 29.76 -1.29 -5.33
N GLY A 335 28.92 -0.84 -4.39
CA GLY A 335 27.70 -1.53 -4.06
C GLY A 335 26.53 -1.22 -4.98
N GLY A 336 26.74 -0.45 -6.04
CA GLY A 336 25.70 -0.17 -7.00
C GLY A 336 25.72 1.24 -7.57
N ALA A 337 25.98 2.24 -6.73
CA ALA A 337 25.83 3.63 -7.15
C ALA A 337 26.80 3.99 -8.28
N ASP A 338 28.06 3.57 -8.17
CA ASP A 338 29.03 3.84 -9.23
C ASP A 338 28.56 3.25 -10.55
N PHE A 339 28.08 2.01 -10.53
CA PHE A 339 27.60 1.39 -11.77
C PHE A 339 26.43 2.18 -12.35
N LEU A 340 25.49 2.60 -11.51
CA LEU A 340 24.30 3.26 -12.04
C LEU A 340 24.62 4.65 -12.57
N ARG A 341 25.56 5.34 -11.95
CA ARG A 341 25.97 6.64 -12.51
C ARG A 341 26.61 6.47 -13.87
N GLU A 342 27.39 5.41 -14.06
CA GLU A 342 27.94 5.12 -15.38
C GLU A 342 26.85 4.73 -16.36
N PHE A 343 25.88 3.90 -15.93
CA PHE A 343 24.78 3.50 -16.80
C PHE A 343 23.93 4.69 -17.19
N GLU A 344 23.66 5.58 -16.22
CA GLU A 344 22.89 6.78 -16.48
C GLU A 344 23.53 7.65 -17.55
N LYS A 345 24.86 7.78 -17.52
CA LYS A 345 25.58 8.47 -18.60
C LYS A 345 25.28 7.81 -19.93
N LYS A 346 25.38 6.49 -19.97
CA LYS A 346 25.17 5.77 -21.22
C LYS A 346 23.78 6.02 -21.79
N VAL A 347 22.75 5.97 -20.95
CA VAL A 347 21.40 5.98 -21.50
C VAL A 347 20.93 7.40 -21.79
N LYS A 348 21.57 8.41 -21.21
CA LYS A 348 21.29 9.78 -21.65
C LYS A 348 21.92 10.06 -22.99
N GLU A 349 23.04 9.38 -23.31
CA GLU A 349 23.65 9.51 -24.63
C GLU A 349 22.67 9.18 -25.76
N LYS A 350 21.70 8.31 -25.50
CA LYS A 350 20.75 7.94 -26.54
C LYS A 350 19.36 8.52 -26.32
N ASN A 351 19.12 9.20 -25.19
CA ASN A 351 17.82 9.78 -24.85
C ASN A 351 16.73 8.72 -24.67
N ARG A 352 17.09 7.47 -24.39
CA ARG A 352 16.10 6.42 -24.21
C ARG A 352 15.73 6.21 -22.75
N GLY A 353 16.61 6.53 -21.82
CA GLY A 353 16.40 6.22 -20.42
C GLY A 353 16.51 7.45 -19.54
N TYR A 354 15.78 7.40 -18.42
CA TYR A 354 15.80 8.45 -17.42
C TYR A 354 15.79 7.78 -16.05
N LEU A 355 16.77 8.10 -15.21
CA LEU A 355 16.85 7.53 -13.88
C LEU A 355 16.42 8.56 -12.85
N ILE A 356 15.65 8.11 -11.86
CA ILE A 356 15.22 8.95 -10.75
C ILE A 356 15.87 8.41 -9.49
N TRP A 357 16.71 9.20 -8.86
CA TRP A 357 17.49 8.73 -7.72
C TRP A 357 16.77 8.88 -6.39
N GLY A 358 15.78 9.76 -6.30
CA GLY A 358 15.10 9.95 -5.05
C GLY A 358 13.65 9.51 -5.09
N TRP A 359 12.80 10.28 -4.43
CA TRP A 359 11.36 10.05 -4.40
C TRP A 359 10.76 10.55 -5.71
N ALA A 360 10.15 9.63 -6.51
CA ALA A 360 9.57 10.07 -7.77
C ALA A 360 8.13 10.51 -7.57
N PRO A 361 7.66 11.46 -8.39
CA PRO A 361 6.23 11.85 -8.35
C PRO A 361 5.41 10.82 -9.12
N GLN A 362 5.18 9.68 -8.47
CA GLN A 362 4.65 8.53 -9.22
C GLN A 362 3.30 8.82 -9.85
N LEU A 363 2.40 9.50 -9.15
CA LEU A 363 1.07 9.73 -9.72
C LEU A 363 1.15 10.62 -10.96
N LEU A 364 2.00 11.64 -10.93
CA LEU A 364 2.14 12.53 -12.09
C LEU A 364 2.69 11.77 -13.30
N ILE A 365 3.64 10.89 -13.07
CA ILE A 365 4.24 10.12 -14.16
C ILE A 365 3.25 9.11 -14.75
N LEU A 366 2.62 8.30 -13.89
CA LEU A 366 1.70 7.29 -14.42
C LEU A 366 0.60 7.92 -15.26
N GLU A 367 0.14 9.11 -14.87
CA GLU A 367 -0.96 9.69 -15.65
C GLU A 367 -0.50 10.28 -16.98
N HIS A 368 0.81 10.40 -17.20
CA HIS A 368 1.30 11.02 -18.43
C HIS A 368 1.03 10.11 -19.63
N PRO A 369 0.49 10.64 -20.72
CA PRO A 369 0.15 9.78 -21.87
C PRO A 369 1.34 9.03 -22.47
N ALA A 370 2.58 9.51 -22.29
CA ALA A 370 3.73 8.82 -22.84
C ALA A 370 4.00 7.47 -22.16
N VAL A 371 3.55 7.28 -20.92
CA VAL A 371 3.84 6.04 -20.20
C VAL A 371 2.93 4.93 -20.72
N GLY A 372 3.51 3.77 -21.01
CA GLY A 372 2.74 2.69 -21.60
C GLY A 372 2.65 1.41 -20.80
N ALA A 373 3.52 1.24 -19.79
CA ALA A 373 3.49 0.03 -18.98
C ALA A 373 4.36 0.24 -17.75
N VAL A 374 4.21 -0.65 -16.76
CA VAL A 374 4.89 -0.51 -15.47
C VAL A 374 5.52 -1.85 -15.10
N VAL A 375 6.80 -1.81 -14.72
CA VAL A 375 7.45 -2.92 -14.02
C VAL A 375 7.31 -2.63 -12.53
N THR A 376 6.67 -3.54 -11.80
CA THR A 376 6.32 -3.27 -10.41
C THR A 376 6.67 -4.49 -9.57
N HIS A 377 6.97 -4.23 -8.29
CA HIS A 377 7.11 -5.31 -7.32
C HIS A 377 5.76 -5.79 -6.80
N CYS A 378 4.64 -5.31 -7.35
CA CYS A 378 3.28 -5.68 -6.97
C CYS A 378 2.89 -5.18 -5.60
N GLY A 379 3.59 -4.17 -5.10
CA GLY A 379 3.03 -3.39 -4.01
C GLY A 379 1.62 -2.98 -4.39
N TRP A 380 0.68 -3.12 -3.46
CA TRP A 380 -0.72 -2.94 -3.83
C TRP A 380 -1.03 -1.51 -4.26
N ASN A 381 -0.38 -0.53 -3.62
CA ASN A 381 -0.68 0.84 -4.02
C ASN A 381 -0.26 1.10 -5.47
N THR A 382 0.90 0.59 -5.88
CA THR A 382 1.31 0.79 -7.27
C THR A 382 0.40 0.05 -8.24
N VAL A 383 -0.06 -1.16 -7.86
CA VAL A 383 -1.01 -1.88 -8.71
C VAL A 383 -2.27 -1.04 -8.92
N MET A 384 -2.82 -0.50 -7.83
CA MET A 384 -4.05 0.28 -7.94
C MET A 384 -3.84 1.54 -8.75
N GLU A 385 -2.71 2.22 -8.54
CA GLU A 385 -2.43 3.45 -9.27
C GLU A 385 -2.20 3.16 -10.75
N SER A 386 -1.56 2.03 -11.07
CA SER A 386 -1.36 1.62 -12.45
C SER A 386 -2.68 1.27 -13.14
N VAL A 387 -3.57 0.58 -12.43
CA VAL A 387 -4.90 0.28 -12.98
C VAL A 387 -5.64 1.56 -13.31
N ASN A 388 -5.67 2.51 -12.36
CA ASN A 388 -6.33 3.78 -12.64
C ASN A 388 -5.72 4.46 -13.87
N ALA A 389 -4.41 4.42 -14.01
CA ALA A 389 -3.75 5.00 -15.17
C ALA A 389 -3.83 4.14 -16.41
N SER A 390 -4.47 2.98 -16.33
CA SER A 390 -4.71 2.08 -17.47
C SER A 390 -3.39 1.54 -18.05
N LEU A 391 -2.51 1.07 -17.17
CA LEU A 391 -1.18 0.58 -17.54
C LEU A 391 -1.06 -0.92 -17.24
N PRO A 392 -0.69 -1.75 -18.22
CA PRO A 392 -0.41 -3.16 -17.93
C PRO A 392 0.91 -3.31 -17.21
N LEU A 393 1.06 -4.44 -16.52
CA LEU A 393 2.12 -4.66 -15.55
C LEU A 393 3.05 -5.80 -15.95
N ALA A 394 4.33 -5.64 -15.65
CA ALA A 394 5.27 -6.75 -15.52
C ALA A 394 5.49 -6.93 -14.03
N THR A 395 5.25 -8.14 -13.51
CA THR A 395 5.21 -8.36 -12.08
C THR A 395 6.52 -8.95 -11.57
N TRP A 396 7.04 -8.37 -10.49
CA TRP A 396 8.33 -8.76 -9.92
C TRP A 396 8.19 -8.71 -8.40
N PRO A 397 7.41 -9.62 -7.82
CA PRO A 397 7.20 -9.58 -6.37
C PRO A 397 8.48 -9.89 -5.62
N LEU A 398 8.59 -9.36 -4.40
CA LEU A 398 9.82 -9.42 -3.65
C LEU A 398 9.61 -9.89 -2.21
N PHE A 399 8.76 -9.21 -1.46
CA PHE A 399 8.58 -9.54 -0.05
C PHE A 399 7.13 -9.27 0.33
N ALA A 400 6.86 -9.25 1.64
CA ALA A 400 5.54 -8.95 2.19
C ALA A 400 4.51 -9.84 1.50
N GLU A 401 3.37 -9.30 1.04
CA GLU A 401 2.30 -10.06 0.41
C GLU A 401 2.35 -9.98 -1.10
N GLN A 402 3.49 -9.56 -1.67
CA GLN A 402 3.54 -9.23 -3.08
C GLN A 402 3.37 -10.45 -3.98
N PHE A 403 3.82 -11.63 -3.54
CA PHE A 403 3.63 -12.82 -4.36
C PHE A 403 2.16 -13.19 -4.49
N PHE A 404 1.36 -12.94 -3.45
CA PHE A 404 -0.08 -13.10 -3.56
C PHE A 404 -0.68 -12.07 -4.51
N ASN A 405 -0.26 -10.81 -4.39
CA ASN A 405 -0.76 -9.78 -5.31
C ASN A 405 -0.45 -10.12 -6.76
N GLU A 406 0.72 -10.73 -7.01
CA GLU A 406 1.04 -11.14 -8.38
C GLU A 406 0.02 -12.13 -8.93
N LYS A 407 -0.41 -13.11 -8.13
CA LYS A 407 -1.40 -14.08 -8.60
C LYS A 407 -2.67 -13.38 -9.06
N LEU A 408 -3.15 -12.42 -8.26
CA LEU A 408 -4.35 -11.68 -8.66
C LEU A 408 -4.13 -10.98 -10.00
N VAL A 409 -3.00 -10.27 -10.12
CA VAL A 409 -2.71 -9.50 -11.33
C VAL A 409 -2.57 -10.41 -12.55
N VAL A 410 -1.83 -11.51 -12.40
CA VAL A 410 -1.47 -12.33 -13.55
C VAL A 410 -2.56 -13.36 -13.86
N ASP A 411 -3.06 -14.04 -12.83
CA ASP A 411 -3.92 -15.20 -13.04
C ASP A 411 -5.41 -14.89 -12.93
N VAL A 412 -5.80 -13.93 -12.12
CA VAL A 412 -7.23 -13.70 -11.89
C VAL A 412 -7.77 -12.61 -12.80
N VAL A 413 -7.21 -11.40 -12.72
CA VAL A 413 -7.70 -10.34 -13.60
C VAL A 413 -6.86 -10.18 -14.87
N LYS A 414 -5.70 -10.81 -14.95
CA LYS A 414 -4.94 -10.94 -16.20
C LYS A 414 -4.56 -9.58 -16.80
N ILE A 415 -3.98 -8.71 -15.97
CA ILE A 415 -3.49 -7.41 -16.42
C ILE A 415 -1.98 -7.27 -16.31
N GLY A 416 -1.28 -8.38 -16.09
CA GLY A 416 0.17 -8.34 -16.04
C GLY A 416 0.78 -9.64 -16.49
N VAL A 417 2.09 -9.60 -16.78
CA VAL A 417 2.87 -10.80 -17.07
C VAL A 417 4.01 -10.89 -16.07
N PRO A 418 4.40 -12.08 -15.63
CA PRO A 418 5.47 -12.20 -14.64
C PRO A 418 6.86 -12.14 -15.26
N VAL A 419 7.79 -11.48 -14.54
CA VAL A 419 9.19 -11.58 -14.94
C VAL A 419 9.76 -12.96 -14.61
N GLY A 420 9.09 -13.70 -13.72
CA GLY A 420 9.52 -15.05 -13.37
C GLY A 420 10.31 -15.19 -12.08
N VAL A 421 9.97 -14.41 -11.05
CA VAL A 421 10.69 -14.52 -9.79
C VAL A 421 10.21 -15.78 -9.05
N LYS A 422 11.15 -16.51 -8.46
CA LYS A 422 10.83 -17.82 -7.88
C LYS A 422 10.76 -17.81 -6.36
N GLU A 423 11.44 -16.89 -5.68
CA GLU A 423 11.65 -17.04 -4.25
C GLU A 423 11.34 -15.77 -3.49
N TRP A 424 10.47 -15.88 -2.49
CA TRP A 424 10.22 -14.82 -1.52
C TRP A 424 11.48 -14.57 -0.68
N ARG A 425 11.72 -13.32 -0.32
CA ARG A 425 12.81 -12.99 0.61
C ARG A 425 12.34 -11.92 1.58
N ASN A 426 13.07 -11.75 2.68
CA ASN A 426 12.70 -10.68 3.59
C ASN A 426 13.10 -9.34 3.01
N TRP A 427 12.49 -8.29 3.55
CA TRP A 427 12.72 -6.96 3.00
C TRP A 427 14.12 -6.44 3.28
N ASN A 428 14.83 -7.03 4.24
CA ASN A 428 16.15 -6.55 4.64
C ASN A 428 17.28 -7.48 4.22
N GLU A 429 17.06 -8.30 3.19
CA GLU A 429 18.09 -9.23 2.72
C GLU A 429 18.06 -9.25 1.19
N PHE A 430 19.14 -9.74 0.59
CA PHE A 430 19.23 -9.82 -0.87
C PHE A 430 18.75 -11.16 -1.42
N GLY A 431 18.74 -12.20 -0.60
CA GLY A 431 18.30 -13.50 -1.06
C GLY A 431 19.38 -14.21 -1.84
N ASP A 432 18.97 -15.31 -2.47
CA ASP A 432 19.85 -16.09 -3.30
C ASP A 432 19.56 -15.94 -4.78
N GLU A 433 18.40 -15.37 -5.13
CA GLU A 433 17.94 -15.36 -6.51
C GLU A 433 18.31 -14.06 -7.20
N VAL A 434 18.80 -14.18 -8.43
CA VAL A 434 19.03 -13.03 -9.31
C VAL A 434 18.17 -13.25 -10.54
N VAL A 435 17.28 -12.31 -10.82
CA VAL A 435 16.48 -12.39 -12.03
C VAL A 435 17.33 -11.92 -13.19
N LYS A 436 17.46 -12.77 -14.21
CA LYS A 436 18.37 -12.55 -15.31
C LYS A 436 17.75 -11.60 -16.35
N ARG A 437 18.63 -10.88 -17.05
CA ARG A 437 18.20 -9.91 -18.06
C ARG A 437 17.30 -10.52 -19.14
N GLU A 438 17.52 -11.79 -19.49
CA GLU A 438 16.69 -12.40 -20.53
C GLU A 438 15.24 -12.52 -20.09
N ASP A 439 15.02 -12.84 -18.82
CA ASP A 439 13.66 -13.00 -18.32
C ASP A 439 12.97 -11.66 -18.12
N ILE A 440 13.70 -10.66 -17.61
CA ILE A 440 13.17 -9.30 -17.58
C ILE A 440 12.81 -8.86 -18.99
N GLY A 441 13.71 -9.11 -19.96
CA GLY A 441 13.48 -8.66 -21.31
C GLY A 441 12.26 -9.29 -21.96
N LYS A 442 11.98 -10.56 -21.65
CA LYS A 442 10.79 -11.22 -22.17
C LYS A 442 9.52 -10.49 -21.73
N ALA A 443 9.47 -10.04 -20.48
CA ALA A 443 8.29 -9.34 -20.01
C ALA A 443 8.18 -7.96 -20.65
N ILE A 444 9.30 -7.23 -20.77
CA ILE A 444 9.27 -5.93 -21.42
C ILE A 444 8.83 -6.07 -22.87
N ALA A 445 9.37 -7.07 -23.56
CA ALA A 445 9.06 -7.25 -24.98
C ALA A 445 7.57 -7.52 -25.19
N PHE A 446 6.97 -8.29 -24.29
CA PHE A 446 5.53 -8.53 -24.39
C PHE A 446 4.76 -7.24 -24.21
N LEU A 447 5.04 -6.51 -23.13
CA LEU A 447 4.27 -5.32 -22.78
C LEU A 447 4.41 -4.24 -23.84
N MET A 448 5.62 -4.03 -24.36
CA MET A 448 5.91 -2.91 -25.23
C MET A 448 5.94 -3.29 -26.70
N GLY A 449 5.76 -4.58 -27.04
CA GLY A 449 6.00 -5.06 -28.39
C GLY A 449 4.86 -4.90 -29.37
N GLY A 450 3.66 -4.58 -28.90
CA GLY A 450 2.53 -4.36 -29.79
C GLY A 450 1.83 -5.60 -30.28
N GLY A 451 2.20 -6.78 -29.77
CA GLY A 451 1.54 -8.00 -30.19
C GLY A 451 0.08 -8.03 -29.80
N ASP A 452 -0.65 -8.94 -30.43
CA ASP A 452 -2.10 -8.94 -30.24
C ASP A 452 -2.48 -9.33 -28.80
N GLU A 453 -1.74 -10.25 -28.20
CA GLU A 453 -2.07 -10.64 -26.83
C GLU A 453 -1.84 -9.49 -25.87
N SER A 454 -0.77 -8.71 -26.05
CA SER A 454 -0.58 -7.54 -25.20
C SER A 454 -1.68 -6.50 -25.43
N LEU A 455 -2.17 -6.37 -26.67
CA LEU A 455 -3.24 -5.41 -26.92
C LEU A 455 -4.52 -5.84 -26.22
N GLU A 456 -4.81 -7.14 -26.18
CA GLU A 456 -5.96 -7.60 -25.41
C GLU A 456 -5.78 -7.34 -23.93
N MET A 457 -4.54 -7.46 -23.43
CA MET A 457 -4.28 -7.12 -22.03
C MET A 457 -4.48 -5.64 -21.77
N ARG A 458 -4.04 -4.77 -22.69
CA ARG A 458 -4.29 -3.34 -22.50
C ARG A 458 -5.77 -3.03 -22.45
N LYS A 459 -6.58 -3.72 -23.26
CA LYS A 459 -8.02 -3.51 -23.22
C LYS A 459 -8.61 -3.92 -21.87
N ARG A 460 -8.11 -5.02 -21.29
CA ARG A 460 -8.61 -5.43 -19.98
C ARG A 460 -8.28 -4.39 -18.91
N VAL A 461 -7.07 -3.84 -18.92
CA VAL A 461 -6.77 -2.87 -17.88
C VAL A 461 -7.52 -1.58 -18.13
N LYS A 462 -7.81 -1.24 -19.39
CA LYS A 462 -8.60 -0.03 -19.67
C LYS A 462 -10.00 -0.14 -19.08
N VAL A 463 -10.65 -1.30 -19.24
CA VAL A 463 -11.96 -1.52 -18.61
C VAL A 463 -11.88 -1.25 -17.11
N LEU A 464 -10.84 -1.78 -16.46
CA LEU A 464 -10.71 -1.59 -15.02
C LEU A 464 -10.37 -0.14 -14.68
N SER A 465 -9.65 0.55 -15.56
CA SER A 465 -9.39 1.98 -15.34
C SER A 465 -10.68 2.78 -15.28
N GLY A 466 -11.59 2.56 -16.24
CA GLY A 466 -12.88 3.21 -16.17
C GLY A 466 -13.62 2.87 -14.89
N ALA A 467 -13.50 1.62 -14.45
CA ALA A 467 -14.17 1.20 -13.22
C ALA A 467 -13.61 1.93 -11.99
N THR A 468 -12.28 2.15 -11.95
CA THR A 468 -11.70 2.84 -10.78
C THR A 468 -12.30 4.22 -10.62
N LYS A 469 -12.38 4.96 -11.72
CA LYS A 469 -12.87 6.33 -11.66
C LYS A 469 -14.32 6.36 -11.25
N LYS A 470 -15.12 5.40 -11.72
CA LYS A 470 -16.52 5.33 -11.33
C LYS A 470 -16.69 4.94 -9.86
N ALA A 471 -15.75 4.17 -9.31
CA ALA A 471 -15.93 3.61 -7.96
C ALA A 471 -15.96 4.70 -6.90
N ILE A 472 -15.24 5.80 -7.12
CA ILE A 472 -15.15 6.85 -6.11
C ILE A 472 -16.02 8.06 -6.44
N GLN A 473 -16.66 8.09 -7.61
CA GLN A 473 -17.65 9.09 -7.91
C GLN A 473 -18.94 8.76 -7.18
N VAL A 474 -19.86 9.73 -7.16
CA VAL A 474 -21.10 9.55 -6.40
C VAL A 474 -21.75 8.22 -6.77
N ASP A 475 -22.09 7.45 -5.73
CA ASP A 475 -22.75 6.15 -5.80
C ASP A 475 -21.94 5.09 -6.55
N GLY A 476 -20.64 5.31 -6.72
CA GLY A 476 -19.77 4.21 -7.09
C GLY A 476 -19.61 3.24 -5.93
N SER A 477 -19.01 2.09 -6.19
CA SER A 477 -18.94 1.04 -5.16
C SER A 477 -18.21 1.53 -3.92
N SER A 478 -17.10 2.26 -4.08
CA SER A 478 -16.32 2.71 -2.95
C SER A 478 -16.99 3.86 -2.22
N TYR A 479 -17.52 4.82 -2.99
CA TYR A 479 -18.34 5.89 -2.45
C TYR A 479 -19.46 5.36 -1.57
N THR A 480 -20.19 4.36 -2.07
CA THR A 480 -21.33 3.81 -1.34
C THR A 480 -20.89 3.12 -0.06
N LYS A 481 -19.80 2.35 -0.11
CA LYS A 481 -19.31 1.70 1.09
C LYS A 481 -18.91 2.72 2.15
N LEU A 482 -18.22 3.78 1.73
CA LEU A 482 -17.86 4.82 2.69
C LEU A 482 -19.09 5.48 3.27
N LYS A 483 -20.09 5.75 2.42
CA LYS A 483 -21.32 6.38 2.87
C LYS A 483 -22.06 5.51 3.87
N GLU A 484 -22.13 4.21 3.60
CA GLU A 484 -22.78 3.28 4.52
C GLU A 484 -22.04 3.19 5.85
N LEU A 485 -20.70 3.15 5.81
CA LEU A 485 -19.92 3.15 7.04
C LEU A 485 -20.16 4.43 7.85
N ILE A 486 -20.10 5.59 7.19
CA ILE A 486 -20.28 6.83 7.94
C ILE A 486 -21.68 6.88 8.54
N GLU A 487 -22.67 6.34 7.83
CA GLU A 487 -24.01 6.32 8.39
C GLU A 487 -24.10 5.41 9.60
N GLU A 488 -23.43 4.26 9.57
CA GLU A 488 -23.39 3.39 10.75
C GLU A 488 -22.76 4.12 11.93
N LEU A 489 -21.67 4.86 11.68
CA LEU A 489 -20.98 5.52 12.78
C LEU A 489 -21.81 6.67 13.34
N LYS A 490 -22.48 7.43 12.46
CA LYS A 490 -23.43 8.43 12.92
C LYS A 490 -24.52 7.81 13.78
N SER A 491 -25.02 6.65 13.35
CA SER A 491 -26.04 5.94 14.11
C SER A 491 -25.56 5.58 15.51
N ILE A 492 -24.33 5.06 15.62
CA ILE A 492 -23.76 4.72 16.93
C ILE A 492 -23.65 5.96 17.80
N LYS A 493 -23.16 7.08 17.25
CA LYS A 493 -23.03 8.31 18.01
C LYS A 493 -24.39 8.76 18.53
N LEU A 494 -25.40 8.75 17.66
CA LEU A 494 -26.74 9.17 18.04
C LEU A 494 -27.33 8.23 19.08
N GLN A 495 -27.09 6.93 18.94
CA GLN A 495 -27.62 5.98 19.92
C GLN A 495 -27.11 6.29 21.32
N LYS A 496 -25.82 6.60 21.44
CA LYS A 496 -25.28 6.93 22.76
C LYS A 496 -25.89 8.23 23.30
N VAL A 497 -26.15 9.20 22.44
CA VAL A 497 -26.81 10.43 22.89
C VAL A 497 -28.22 10.14 23.37
N ASN A 498 -28.98 9.38 22.60
CA ASN A 498 -30.36 9.06 22.98
C ASN A 498 -30.43 8.14 24.19
N ASN A 499 -29.44 7.27 24.37
CA ASN A 499 -29.39 6.46 25.59
C ASN A 499 -29.18 7.33 26.82
N LYS A 500 -28.33 8.36 26.73
CA LYS A 500 -28.16 9.25 27.88
C LYS A 500 -29.47 9.96 28.22
N LEU A 501 -30.22 10.38 27.19
CA LEU A 501 -31.54 10.99 27.42
C LEU A 501 -32.46 10.01 28.14
N MET A 502 -32.45 8.76 27.72
CA MET A 502 -33.32 7.75 28.31
C MET A 502 -32.97 7.51 29.78
N GLU A 503 -31.68 7.39 30.08
CA GLU A 503 -31.25 7.21 31.46
C GLU A 503 -31.66 8.39 32.35
N ALA A 504 -31.51 9.63 31.85
CA ALA A 504 -31.86 10.80 32.64
C ALA A 504 -33.36 10.85 32.93
N VAL A 505 -34.18 10.47 31.96
CA VAL A 505 -35.63 10.42 32.18
C VAL A 505 -35.97 9.39 33.24
N ALA A 506 -35.27 8.25 33.23
CA ALA A 506 -35.55 7.22 34.22
C ALA A 506 -35.20 7.69 35.62
N LEU A 507 -34.06 8.38 35.77
CA LEU A 507 -33.68 8.90 37.07
C LEU A 507 -34.65 9.98 37.57
N GLU A 508 -35.26 10.73 36.65
CA GLU A 508 -36.28 11.72 37.03
C GLU A 508 -37.47 11.05 37.72
N HIS A 509 -37.96 9.93 37.17
CA HIS A 509 -39.16 9.29 37.70
C HIS A 509 -39.02 8.95 39.18
N HIS A 510 -37.95 8.20 39.49
CA HIS A 510 -37.72 7.68 40.87
C HIS A 510 -37.76 8.79 41.92
N1 UDP B . 5.90 6.07 -4.42
C2 UDP B . 6.16 7.32 -4.92
N3 UDP B . 7.45 7.52 -5.35
C4 UDP B . 8.48 6.61 -5.31
C5 UDP B . 8.13 5.33 -4.76
C6 UDP B . 6.88 5.11 -4.33
O2 UDP B . 5.31 8.19 -4.99
O4 UDP B . 9.61 6.94 -5.75
C1' UDP B . 4.56 5.80 -3.89
C2' UDP B . 3.64 5.04 -4.84
O2' UDP B . 2.87 5.96 -5.60
C3' UDP B . 2.78 4.24 -3.87
C4' UDP B . 3.75 3.91 -2.74
O4' UDP B . 4.74 4.97 -2.75
O3' UDP B . 1.71 5.03 -3.36
C5' UDP B . 4.45 2.58 -2.83
O5' UDP B . 3.55 1.65 -2.23
PA UDP B . 3.43 0.16 -2.75
O1A UDP B . 3.46 0.21 -4.23
O2A UDP B . 2.23 -0.54 -2.13
O3A UDP B . 4.77 -0.57 -2.20
PB UDP B . 5.59 -0.61 -0.84
O1B UDP B . 4.49 -0.71 0.24
O2B UDP B . 6.28 0.75 -0.80
O3B UDP B . 6.55 -1.77 -0.79
C11 FJL C . 8.93 -3.89 9.84
C12 FJL C . 7.89 -4.78 7.50
C13 FJL C . 8.36 -5.08 8.98
C14 FJL C . 8.90 -4.40 11.38
C15 FJL C . 6.93 -3.54 7.57
C16 FJL C . 8.07 -2.61 9.63
C17 FJL C . 6.03 -3.24 6.26
C18 FJL C . 7.75 -2.35 8.13
C19 FJL C . 9.79 -5.64 11.58
C20 FJL C . 10.19 -6.13 13.01
C21 FJL C . 10.78 -4.91 13.80
C22 FJL C . 9.52 -3.30 12.30
C23 FJL C . 7.11 -5.99 6.89
C24 FJL C . 9.70 -3.81 13.75
C25 FJL C . 5.33 -4.60 5.80
C26 FJL C . 9.25 -6.27 9.24
C27 FJL C . 10.37 -3.53 9.45
C28 FJL C . 6.43 -5.66 5.55
C29 FJL C . 9.11 -4.57 6.59
C30 FJL C . 7.43 -4.59 11.81
C31 FJL C . 9.82 -6.54 10.58
C32 FJL C . 9.08 -6.86 13.82
C33 FJL C . 11.12 -5.31 15.28
C34 FJL C . 9.58 -7.40 15.19
C35 FJL C . 6.84 -2.61 5.12
C36 FJL C . 4.93 -2.25 6.67
C37 FJL C . 10.07 -6.17 16.00
C38 FJL C . 12.08 -4.40 13.13
C39 FJL C . 8.43 -8.10 15.95
C40 FJL C . 10.74 -8.47 15.00
C41 FJL C . 3.15 -4.96 4.90
C42 FJL C . 2.19 -4.71 3.65
C43 FJL C . 0.80 -5.37 4.02
C44 FJL C . 2.15 -7.06 5.40
C45 FJL C . 1.03 -6.90 4.32
C46 FJL C . 2.53 -8.63 5.61
O01 FJL C . 4.47 -4.44 4.66
O02 FJL C . 9.54 -7.08 8.31
O03 FJL C . 11.87 -8.27 15.48
O04 FJL C . 3.31 -6.36 4.99
O05 FJL C . 10.43 -9.52 14.36
O06 FJL C . 2.05 -3.32 3.56
O07 FJL C . -0.03 -5.22 2.89
O08 FJL C . -0.19 -7.42 4.80
O09 FJL C . 3.65 -8.84 6.09
O10 FJL C . 1.69 -9.47 5.25
#